data_1KYU
#
_entry.id   1KYU
#
_cell.length_a   38.670
_cell.length_b   40.750
_cell.length_c   41.890
_cell.angle_alpha   99.67
_cell.angle_beta   99.95
_cell.angle_gamma   113.28
#
_symmetry.space_group_name_H-M   'P 1'
#
loop_
_entity.id
_entity.type
_entity.pdbx_description
1 polymer 'ALPHA-ADAPTIN C'
2 polymer 'EPIDERMAL GROWTH FACTOR RECEPTOR SUBSTRATE 15'
3 water water
#
loop_
_entity_poly.entity_id
_entity_poly.type
_entity_poly.pdbx_seq_one_letter_code
_entity_poly.pdbx_strand_id
1 'polypeptide(L)'
;GSPGIRLGSSEDNFARFVCKNNGVLFENQLLQIGLKSEFRQNLGRMFIFYGNKTSTQFLNFTPTLICADDLQTNLNLQTK
PVDPTVDGGAQVQQVVNIECISDFTEAPVLNIQFRYGGTFQNVSVKLPITLNKFFQPTEMASQDFFQRWKQLSNPQQEVQ
NIFKAKHPMDTEITKAKIIGFGSALLEEVDPNPANFVGAGIIHTKTTQIGCLLRLEPNLQAQMYRLTLRTSKDTVSQRLC
ELLSEQF
;
A
2 'polypeptide(L)' GSDPFK P
#
# COMPACT_ATOMS: atom_id res chain seq x y z
N GLY A 1 7.62 -3.19 -15.23
CA GLY A 1 6.83 -2.00 -15.65
C GLY A 1 7.66 -1.01 -16.45
N SER A 2 8.04 0.09 -15.80
CA SER A 2 8.84 1.11 -16.46
C SER A 2 10.33 0.78 -16.36
N PRO A 3 11.04 0.79 -17.49
CA PRO A 3 12.47 0.49 -17.51
C PRO A 3 13.29 1.70 -17.09
N GLY A 4 14.56 1.49 -16.80
CA GLY A 4 15.42 2.61 -16.40
C GLY A 4 15.52 2.82 -14.90
N ILE A 5 16.57 3.53 -14.50
CA ILE A 5 16.86 3.84 -13.11
C ILE A 5 15.70 4.56 -12.42
N ARG A 6 15.37 4.11 -11.21
CA ARG A 6 14.28 4.73 -10.45
C ARG A 6 14.80 5.62 -9.34
N LEU A 7 15.41 6.74 -9.73
CA LEU A 7 15.94 7.73 -8.80
C LEU A 7 15.51 9.07 -9.37
N GLY A 8 14.76 9.83 -8.58
CA GLY A 8 14.26 11.09 -9.10
C GLY A 8 13.07 10.70 -9.96
N SER A 9 12.51 9.54 -9.66
CA SER A 9 11.35 9.02 -10.37
C SER A 9 10.12 9.32 -9.55
N SER A 10 8.95 8.98 -10.08
CA SER A 10 7.68 9.22 -9.40
C SER A 10 7.38 8.18 -8.34
N GLU A 11 8.23 7.16 -8.22
CA GLU A 11 7.99 6.11 -7.26
C GLU A 11 9.18 5.77 -6.37
N ASP A 12 10.12 6.69 -6.25
CA ASP A 12 11.31 6.48 -5.43
C ASP A 12 11.02 5.85 -4.07
N ASN A 13 10.06 6.41 -3.32
CA ASN A 13 9.72 5.90 -1.98
C ASN A 13 8.33 5.27 -1.85
N PHE A 14 7.69 5.01 -2.98
CA PHE A 14 6.35 4.42 -2.99
C PHE A 14 6.21 3.17 -2.13
N ALA A 15 7.09 2.20 -2.37
CA ALA A 15 7.08 0.93 -1.64
C ALA A 15 7.12 1.08 -0.12
N ARG A 16 7.69 2.17 0.38
CA ARG A 16 7.80 2.38 1.82
C ARG A 16 6.48 2.65 2.52
N PHE A 17 5.42 2.92 1.76
CA PHE A 17 4.14 3.22 2.38
C PHE A 17 3.06 2.19 2.13
N VAL A 18 3.45 0.96 1.79
CA VAL A 18 2.47 -0.07 1.57
C VAL A 18 2.05 -0.66 2.91
N CYS A 19 2.99 -0.75 3.85
CA CYS A 19 2.71 -1.29 5.17
C CYS A 19 2.74 -0.27 6.33
N LYS A 20 3.01 0.98 6.01
CA LYS A 20 2.99 2.01 7.05
C LYS A 20 2.26 3.20 6.46
N ASN A 21 1.77 4.08 7.32
CA ASN A 21 1.03 5.24 6.86
C ASN A 21 1.70 6.59 7.13
N ASN A 22 2.74 6.59 7.96
CA ASN A 22 3.43 7.84 8.29
C ASN A 22 4.85 7.92 7.72
N GLY A 23 5.29 9.14 7.43
CA GLY A 23 6.64 9.31 6.89
C GLY A 23 6.77 10.32 5.78
N VAL A 24 8.00 10.45 5.27
CA VAL A 24 8.33 11.37 4.19
C VAL A 24 8.25 10.65 2.85
N LEU A 25 7.32 11.05 1.98
CA LEU A 25 7.19 10.41 0.68
C LEU A 25 8.16 10.95 -0.36
N PHE A 26 8.46 12.24 -0.27
CA PHE A 26 9.34 12.89 -1.24
C PHE A 26 10.04 14.09 -0.65
N GLU A 27 11.22 14.40 -1.18
CA GLU A 27 11.94 15.57 -0.71
C GLU A 27 13.02 15.96 -1.69
N ASN A 28 12.99 17.20 -2.12
CA ASN A 28 14.04 17.68 -3.00
C ASN A 28 14.66 18.84 -2.23
N GLN A 29 15.36 19.76 -2.89
CA GLN A 29 16.00 20.81 -2.13
C GLN A 29 15.12 21.98 -1.68
N LEU A 30 13.87 21.94 -2.11
CA LEU A 30 12.95 23.01 -1.76
C LEU A 30 11.79 22.52 -0.90
N LEU A 31 11.32 21.33 -1.23
CA LEU A 31 10.14 20.77 -0.59
C LEU A 31 10.25 19.38 -0.01
N GLN A 32 9.57 19.20 1.11
CA GLN A 32 9.50 17.90 1.77
C GLN A 32 8.02 17.56 1.84
N ILE A 33 7.67 16.34 1.43
CA ILE A 33 6.29 15.89 1.45
C ILE A 33 6.13 14.76 2.44
N GLY A 34 5.42 15.02 3.54
CA GLY A 34 5.21 14.01 4.56
C GLY A 34 3.80 13.46 4.50
N LEU A 35 3.59 12.28 5.09
CA LEU A 35 2.27 11.66 5.08
C LEU A 35 1.87 11.10 6.45
N LYS A 36 0.58 11.05 6.69
CA LYS A 36 0.00 10.46 7.90
C LYS A 36 -1.36 9.96 7.43
N SER A 37 -1.55 8.65 7.38
CA SER A 37 -2.84 8.11 6.93
C SER A 37 -3.51 7.23 7.98
N GLU A 38 -4.82 7.07 7.83
CA GLU A 38 -5.62 6.26 8.73
C GLU A 38 -6.73 5.65 7.89
N PHE A 39 -6.99 4.36 8.07
CA PHE A 39 -8.02 3.69 7.28
C PHE A 39 -9.02 2.92 8.16
N ARG A 40 -10.24 2.77 7.64
CA ARG A 40 -11.29 2.05 8.36
C ARG A 40 -12.29 1.57 7.31
N GLN A 41 -12.61 0.28 7.35
CA GLN A 41 -13.53 -0.32 6.38
C GLN A 41 -12.96 -0.07 4.98
N ASN A 42 -13.75 0.46 4.05
CA ASN A 42 -13.23 0.71 2.70
C ASN A 42 -12.88 2.19 2.55
N LEU A 43 -12.62 2.86 3.68
CA LEU A 43 -12.32 4.27 3.68
C LEU A 43 -10.96 4.61 4.28
N GLY A 44 -10.45 5.79 3.94
CA GLY A 44 -9.17 6.19 4.47
C GLY A 44 -9.01 7.70 4.51
N ARG A 45 -8.05 8.15 5.30
CA ARG A 45 -7.76 9.56 5.44
C ARG A 45 -6.26 9.75 5.41
N MET A 46 -5.77 10.43 4.38
CA MET A 46 -4.34 10.68 4.21
C MET A 46 -3.99 12.16 4.37
N PHE A 47 -3.23 12.48 5.41
CA PHE A 47 -2.78 13.86 5.66
C PHE A 47 -1.47 13.98 4.89
N ILE A 48 -1.35 15.01 4.07
CA ILE A 48 -0.11 15.22 3.31
C ILE A 48 0.49 16.53 3.82
N PHE A 49 1.73 16.48 4.28
CA PHE A 49 2.40 17.67 4.81
C PHE A 49 3.47 18.20 3.86
N TYR A 50 3.34 19.48 3.50
CA TYR A 50 4.28 20.11 2.59
C TYR A 50 5.16 21.06 3.39
N GLY A 51 6.43 20.70 3.52
CA GLY A 51 7.34 21.55 4.28
C GLY A 51 8.21 22.38 3.37
N ASN A 52 8.25 23.68 3.62
CA ASN A 52 9.07 24.61 2.84
C ASN A 52 10.42 24.65 3.54
N LYS A 53 11.42 24.06 2.89
CA LYS A 53 12.76 23.98 3.45
C LYS A 53 13.61 25.24 3.29
N THR A 54 13.10 26.23 2.57
CA THR A 54 13.88 27.44 2.33
C THR A 54 13.52 28.58 3.28
N SER A 55 14.22 29.69 3.12
CA SER A 55 13.98 30.87 3.94
C SER A 55 13.09 31.76 3.11
N THR A 56 12.61 31.20 2.00
CA THR A 56 11.77 31.92 1.08
C THR A 56 10.39 31.28 0.93
N GLN A 57 9.40 32.14 0.85
CA GLN A 57 8.01 31.73 0.73
C GLN A 57 7.69 31.17 -0.67
N PHE A 58 7.00 30.03 -0.71
CA PHE A 58 6.60 29.42 -1.99
C PHE A 58 5.30 30.07 -2.43
N LEU A 59 5.04 30.06 -3.74
CA LEU A 59 3.82 30.62 -4.31
C LEU A 59 3.18 29.59 -5.24
N ASN A 60 1.91 29.82 -5.59
CA ASN A 60 1.18 28.92 -6.48
C ASN A 60 1.35 27.47 -6.11
N PHE A 61 1.47 27.18 -4.82
CA PHE A 61 1.66 25.79 -4.41
C PHE A 61 0.41 24.99 -4.80
N THR A 62 0.56 24.14 -5.83
CA THR A 62 -0.58 23.39 -6.36
C THR A 62 -0.46 21.86 -6.44
N PRO A 63 -1.15 21.15 -5.54
CA PRO A 63 -1.12 19.68 -5.55
C PRO A 63 -2.35 19.14 -6.29
N THR A 64 -2.15 18.19 -7.20
CA THR A 64 -3.28 17.59 -7.92
C THR A 64 -3.12 16.08 -8.01
N LEU A 65 -4.24 15.37 -7.89
CA LEU A 65 -4.27 13.91 -7.94
C LEU A 65 -4.63 13.43 -9.35
N ILE A 66 -3.84 12.50 -9.87
CA ILE A 66 -4.07 11.97 -11.21
C ILE A 66 -4.25 10.45 -11.20
N CYS A 67 -5.39 9.99 -11.75
CA CYS A 67 -5.68 8.57 -11.80
C CYS A 67 -6.00 8.11 -13.22
N ALA A 68 -5.51 6.93 -13.59
CA ALA A 68 -5.77 6.38 -14.92
C ALA A 68 -7.26 6.02 -14.99
N ASP A 69 -7.76 5.85 -16.21
CA ASP A 69 -9.17 5.53 -16.43
C ASP A 69 -9.69 4.35 -15.60
N ASP A 70 -9.00 3.22 -15.66
CA ASP A 70 -9.40 2.05 -14.89
C ASP A 70 -9.43 2.37 -13.40
N LEU A 71 -8.35 2.94 -12.89
CA LEU A 71 -8.24 3.28 -11.48
C LEU A 71 -9.40 4.15 -11.01
N GLN A 72 -9.82 5.07 -11.86
CA GLN A 72 -10.93 5.97 -11.54
C GLN A 72 -12.17 5.21 -11.11
N THR A 73 -12.50 4.13 -11.82
CA THR A 73 -13.69 3.35 -11.51
C THR A 73 -13.56 2.50 -10.27
N ASN A 74 -12.34 2.32 -9.77
CA ASN A 74 -12.14 1.49 -8.58
C ASN A 74 -11.79 2.28 -7.32
N LEU A 75 -11.29 3.49 -7.49
CA LEU A 75 -10.88 4.28 -6.34
C LEU A 75 -11.37 5.72 -6.44
N ASN A 76 -11.97 6.20 -5.35
CA ASN A 76 -12.49 7.55 -5.30
C ASN A 76 -11.70 8.38 -4.28
N LEU A 77 -11.13 9.49 -4.73
CA LEU A 77 -10.34 10.35 -3.84
C LEU A 77 -10.93 11.76 -3.74
N GLN A 78 -10.94 12.31 -2.53
CA GLN A 78 -11.45 13.67 -2.28
C GLN A 78 -10.52 14.44 -1.35
N THR A 79 -10.31 15.72 -1.65
CA THR A 79 -9.43 16.53 -0.81
C THR A 79 -9.78 18.01 -0.89
N LYS A 80 -9.49 18.73 0.19
CA LYS A 80 -9.74 20.16 0.26
C LYS A 80 -8.43 20.84 -0.14
N PRO A 81 -8.52 21.93 -0.90
CA PRO A 81 -7.31 22.63 -1.33
C PRO A 81 -6.52 23.20 -0.15
N VAL A 82 -5.24 23.44 -0.37
CA VAL A 82 -4.38 24.01 0.66
C VAL A 82 -4.03 25.41 0.20
N ASP A 83 -3.60 26.27 1.14
CA ASP A 83 -3.23 27.64 0.80
C ASP A 83 -2.00 27.55 -0.12
N PRO A 84 -2.02 28.25 -1.27
CA PRO A 84 -0.93 28.25 -2.24
C PRO A 84 0.34 28.99 -1.81
N THR A 85 0.29 29.63 -0.65
CA THR A 85 1.44 30.36 -0.14
C THR A 85 2.00 29.65 1.07
N VAL A 86 3.26 29.23 0.97
CA VAL A 86 3.89 28.51 2.06
C VAL A 86 5.15 29.25 2.53
N ASP A 87 5.08 29.83 3.73
CA ASP A 87 6.21 30.57 4.30
C ASP A 87 7.46 29.73 4.33
N GLY A 88 8.60 30.38 4.19
CA GLY A 88 9.85 29.64 4.28
C GLY A 88 9.85 29.07 5.68
N GLY A 89 10.32 27.84 5.83
CA GLY A 89 10.37 27.22 7.14
C GLY A 89 9.01 26.81 7.66
N ALA A 90 7.96 27.00 6.86
CA ALA A 90 6.62 26.63 7.30
C ALA A 90 6.20 25.29 6.74
N GLN A 91 5.15 24.73 7.32
CA GLN A 91 4.61 23.46 6.89
C GLN A 91 3.11 23.61 6.74
N VAL A 92 2.56 23.11 5.64
CA VAL A 92 1.13 23.18 5.41
C VAL A 92 0.59 21.77 5.21
N GLN A 93 -0.61 21.52 5.72
CA GLN A 93 -1.24 20.21 5.64
C GLN A 93 -2.39 20.12 4.63
N GLN A 94 -2.55 18.94 4.05
CA GLN A 94 -3.62 18.66 3.10
C GLN A 94 -4.22 17.29 3.45
N VAL A 95 -5.54 17.22 3.53
CA VAL A 95 -6.19 15.96 3.88
C VAL A 95 -6.85 15.32 2.66
N VAL A 96 -6.53 14.05 2.41
CA VAL A 96 -7.13 13.33 1.30
C VAL A 96 -8.05 12.23 1.84
N ASN A 97 -9.33 12.32 1.51
CA ASN A 97 -10.30 11.31 1.96
C ASN A 97 -10.39 10.25 0.87
N ILE A 98 -10.36 8.99 1.28
CA ILE A 98 -10.38 7.87 0.34
C ILE A 98 -11.54 6.90 0.49
N GLU A 99 -12.03 6.41 -0.65
CA GLU A 99 -13.09 5.41 -0.66
C GLU A 99 -12.80 4.40 -1.76
N CYS A 100 -12.62 3.14 -1.37
CA CYS A 100 -12.35 2.11 -2.33
C CYS A 100 -13.66 1.53 -2.86
N ILE A 101 -13.83 1.58 -4.19
CA ILE A 101 -15.03 1.08 -4.84
C ILE A 101 -14.93 -0.40 -5.19
N SER A 102 -13.82 -0.78 -5.81
CA SER A 102 -13.57 -2.15 -6.20
C SER A 102 -12.07 -2.37 -6.12
N ASP A 103 -11.64 -3.62 -6.24
CA ASP A 103 -10.21 -3.90 -6.18
C ASP A 103 -9.52 -3.16 -7.32
N PHE A 104 -8.32 -2.67 -7.06
CA PHE A 104 -7.58 -1.90 -8.06
C PHE A 104 -6.09 -2.20 -7.99
N THR A 105 -5.39 -1.95 -9.11
CA THR A 105 -3.96 -2.19 -9.19
C THR A 105 -3.15 -0.92 -9.35
N GLU A 106 -3.61 -0.01 -10.17
CA GLU A 106 -2.89 1.24 -10.40
C GLU A 106 -2.83 2.11 -9.14
N ALA A 107 -1.92 3.07 -9.16
CA ALA A 107 -1.79 3.98 -8.03
C ALA A 107 -2.02 5.40 -8.49
N PRO A 108 -2.61 6.23 -7.62
CA PRO A 108 -2.87 7.62 -7.99
C PRO A 108 -1.54 8.37 -8.06
N VAL A 109 -1.47 9.41 -8.88
CA VAL A 109 -0.24 10.19 -8.96
C VAL A 109 -0.53 11.58 -8.39
N LEU A 110 0.34 12.04 -7.49
CA LEU A 110 0.19 13.36 -6.91
C LEU A 110 1.15 14.27 -7.67
N ASN A 111 0.61 15.29 -8.31
CA ASN A 111 1.47 16.22 -9.03
C ASN A 111 1.49 17.52 -8.26
N ILE A 112 2.67 18.06 -8.04
CA ILE A 112 2.81 19.31 -7.30
C ILE A 112 3.60 20.30 -8.11
N GLN A 113 3.00 21.47 -8.32
CA GLN A 113 3.63 22.52 -9.07
C GLN A 113 3.61 23.78 -8.22
N PHE A 114 4.69 24.54 -8.26
CA PHE A 114 4.76 25.77 -7.50
C PHE A 114 5.88 26.66 -7.98
N ARG A 115 5.91 27.87 -7.46
CA ARG A 115 6.91 28.85 -7.80
C ARG A 115 7.85 29.09 -6.63
N TYR A 116 9.13 29.18 -6.94
CA TYR A 116 10.16 29.42 -5.94
C TYR A 116 11.21 30.32 -6.59
N GLY A 117 11.54 31.42 -5.91
CA GLY A 117 12.52 32.34 -6.46
C GLY A 117 12.21 32.74 -7.90
N GLY A 118 10.93 32.68 -8.26
CA GLY A 118 10.54 33.06 -9.61
C GLY A 118 10.63 31.97 -10.66
N THR A 119 10.83 30.73 -10.23
CA THR A 119 10.95 29.63 -11.18
C THR A 119 9.83 28.59 -11.00
N PHE A 120 9.49 27.92 -12.10
CA PHE A 120 8.44 26.89 -12.11
C PHE A 120 9.03 25.57 -11.65
N GLN A 121 8.45 25.02 -10.59
CA GLN A 121 8.86 23.75 -10.02
C GLN A 121 7.76 22.72 -10.26
N ASN A 122 8.15 21.52 -10.65
CA ASN A 122 7.18 20.48 -10.93
C ASN A 122 7.64 19.15 -10.35
N VAL A 123 6.75 18.53 -9.61
CA VAL A 123 7.00 17.23 -8.99
C VAL A 123 5.81 16.31 -9.21
N SER A 124 6.09 15.06 -9.53
CA SER A 124 5.07 14.05 -9.71
C SER A 124 5.51 12.82 -8.93
N VAL A 125 4.68 12.38 -8.00
CA VAL A 125 4.98 11.22 -7.18
C VAL A 125 3.74 10.35 -7.03
N LYS A 126 3.92 9.04 -7.10
CA LYS A 126 2.81 8.11 -6.94
C LYS A 126 2.40 8.11 -5.49
N LEU A 127 1.10 8.21 -5.22
CA LEU A 127 0.63 8.19 -3.85
C LEU A 127 0.41 6.75 -3.40
N PRO A 128 0.91 6.42 -2.20
CA PRO A 128 0.80 5.07 -1.63
C PRO A 128 -0.58 4.66 -1.11
N ILE A 129 -1.55 4.60 -2.01
CA ILE A 129 -2.89 4.15 -1.66
C ILE A 129 -2.95 2.82 -2.39
N THR A 130 -2.95 1.74 -1.63
CA THR A 130 -2.93 0.42 -2.19
C THR A 130 -4.08 -0.43 -1.66
N LEU A 131 -4.44 -1.46 -2.42
CA LEU A 131 -5.55 -2.34 -2.05
C LEU A 131 -5.58 -2.83 -0.59
N ASN A 132 -4.40 -3.18 -0.06
CA ASN A 132 -4.30 -3.68 1.31
C ASN A 132 -4.69 -2.66 2.40
N LYS A 133 -4.66 -1.37 2.08
CA LYS A 133 -5.02 -0.37 3.09
C LYS A 133 -6.46 -0.54 3.55
N PHE A 134 -7.25 -1.30 2.78
CA PHE A 134 -8.66 -1.49 3.12
C PHE A 134 -8.98 -2.83 3.75
N PHE A 135 -7.99 -3.36 4.46
CA PHE A 135 -8.12 -4.64 5.15
C PHE A 135 -8.82 -4.52 6.50
N GLN A 136 -9.67 -5.50 6.80
CA GLN A 136 -10.29 -5.59 8.10
C GLN A 136 -9.63 -6.87 8.58
N PRO A 137 -8.80 -6.78 9.62
CA PRO A 137 -8.17 -8.02 10.06
C PRO A 137 -9.23 -8.95 10.62
N THR A 138 -9.17 -10.23 10.26
CA THR A 138 -10.15 -11.16 10.77
C THR A 138 -9.50 -12.27 11.56
N GLU A 139 -9.55 -12.12 12.88
CA GLU A 139 -9.00 -13.13 13.78
C GLU A 139 -9.94 -14.32 13.67
N MET A 140 -9.39 -15.53 13.72
CA MET A 140 -10.23 -16.72 13.64
C MET A 140 -9.40 -17.90 14.10
N ALA A 141 -10.07 -18.91 14.63
CA ALA A 141 -9.39 -20.11 15.09
C ALA A 141 -8.87 -20.86 13.86
N SER A 142 -7.85 -21.68 14.06
CA SER A 142 -7.25 -22.45 12.97
C SER A 142 -8.30 -23.18 12.13
N GLN A 143 -9.14 -23.98 12.79
CA GLN A 143 -10.16 -24.75 12.09
C GLN A 143 -10.94 -23.95 11.06
N ASP A 144 -11.37 -22.76 11.46
CA ASP A 144 -12.13 -21.91 10.55
C ASP A 144 -11.30 -21.46 9.37
N PHE A 145 -10.01 -21.18 9.60
CA PHE A 145 -9.14 -20.75 8.52
C PHE A 145 -9.02 -21.80 7.42
N PHE A 146 -8.78 -23.04 7.78
CA PHE A 146 -8.64 -24.09 6.77
C PHE A 146 -9.94 -24.44 6.06
N GLN A 147 -11.06 -24.33 6.75
CA GLN A 147 -12.34 -24.61 6.12
C GLN A 147 -12.48 -23.62 4.97
N ARG A 148 -12.12 -22.37 5.25
CA ARG A 148 -12.21 -21.32 4.25
C ARG A 148 -11.19 -21.49 3.13
N TRP A 149 -9.97 -21.86 3.49
CA TRP A 149 -8.92 -22.07 2.49
C TRP A 149 -9.34 -23.13 1.46
N LYS A 150 -9.99 -24.19 1.93
CA LYS A 150 -10.37 -25.27 1.03
C LYS A 150 -11.70 -25.11 0.30
N GLN A 151 -12.25 -23.90 0.37
CA GLN A 151 -13.51 -23.63 -0.30
C GLN A 151 -13.23 -23.03 -1.69
N LEU A 152 -11.96 -22.83 -2.00
CA LEU A 152 -11.58 -22.28 -3.30
C LEU A 152 -11.62 -23.36 -4.39
N SER A 153 -12.28 -23.06 -5.50
CA SER A 153 -12.36 -24.03 -6.59
C SER A 153 -11.82 -23.46 -7.90
N ASN A 154 -12.06 -22.18 -8.13
CA ASN A 154 -11.60 -21.51 -9.34
C ASN A 154 -10.07 -21.36 -9.29
N PRO A 155 -9.35 -22.04 -10.19
CA PRO A 155 -7.88 -21.95 -10.21
C PRO A 155 -7.31 -20.54 -10.35
N GLN A 156 -8.05 -19.66 -11.02
CA GLN A 156 -7.61 -18.29 -11.22
C GLN A 156 -7.60 -17.48 -9.91
N GLN A 157 -8.32 -17.97 -8.90
CA GLN A 157 -8.40 -17.27 -7.62
C GLN A 157 -7.20 -17.54 -6.74
N GLU A 158 -6.38 -18.50 -7.16
CA GLU A 158 -5.17 -18.77 -6.42
C GLU A 158 -4.00 -18.24 -7.21
N VAL A 159 -3.22 -17.38 -6.59
CA VAL A 159 -2.06 -16.81 -7.23
C VAL A 159 -0.87 -17.07 -6.34
N GLN A 160 0.17 -17.63 -6.92
CA GLN A 160 1.37 -17.94 -6.18
C GLN A 160 2.54 -17.23 -6.80
N ASN A 161 3.45 -16.79 -5.96
CA ASN A 161 4.64 -16.13 -6.46
C ASN A 161 5.80 -16.58 -5.61
N ILE A 162 6.84 -17.04 -6.29
CA ILE A 162 8.04 -17.48 -5.61
C ILE A 162 9.06 -16.41 -6.03
N PHE A 163 9.57 -15.68 -5.04
CA PHE A 163 10.49 -14.59 -5.28
C PHE A 163 11.64 -14.50 -4.28
N LYS A 164 12.68 -13.79 -4.65
CA LYS A 164 13.84 -13.61 -3.78
C LYS A 164 13.59 -12.52 -2.75
N ALA A 165 14.02 -12.77 -1.51
CA ALA A 165 13.84 -11.80 -0.43
C ALA A 165 14.73 -10.59 -0.66
N LYS A 166 14.21 -9.39 -0.39
CA LYS A 166 14.98 -8.17 -0.56
C LYS A 166 15.51 -7.71 0.80
N HIS A 167 14.81 -8.07 1.87
CA HIS A 167 15.21 -7.68 3.21
C HIS A 167 15.45 -8.89 4.09
N PRO A 168 16.15 -8.70 5.22
CA PRO A 168 16.43 -9.81 6.13
C PRO A 168 15.11 -10.39 6.61
N MET A 169 15.14 -11.66 7.02
CA MET A 169 13.92 -12.29 7.50
C MET A 169 13.76 -12.08 9.00
N ASP A 170 13.76 -10.81 9.41
CA ASP A 170 13.61 -10.48 10.82
C ASP A 170 12.16 -10.66 11.24
N THR A 171 11.91 -11.75 11.95
CA THR A 171 10.58 -12.13 12.41
C THR A 171 9.67 -11.01 12.87
N GLU A 172 10.09 -10.24 13.88
CA GLU A 172 9.25 -9.16 14.39
C GLU A 172 8.98 -8.09 13.34
N ILE A 173 9.93 -7.87 12.44
CA ILE A 173 9.74 -6.89 11.38
C ILE A 173 8.73 -7.44 10.39
N THR A 174 8.89 -8.72 10.03
CA THR A 174 7.97 -9.35 9.09
C THR A 174 6.55 -9.37 9.66
N LYS A 175 6.44 -9.63 10.96
CA LYS A 175 5.14 -9.64 11.61
C LYS A 175 4.56 -8.24 11.56
N ALA A 176 5.40 -7.25 11.85
CA ALA A 176 4.99 -5.85 11.81
C ALA A 176 4.58 -5.46 10.39
N LYS A 177 5.31 -6.00 9.42
CA LYS A 177 5.01 -5.73 8.02
C LYS A 177 3.66 -6.34 7.63
N ILE A 178 3.43 -7.59 8.01
CA ILE A 178 2.16 -8.24 7.70
C ILE A 178 1.02 -7.51 8.42
N ILE A 179 1.22 -7.19 9.69
CA ILE A 179 0.21 -6.47 10.47
C ILE A 179 0.03 -5.11 9.82
N GLY A 180 1.15 -4.50 9.44
CA GLY A 180 1.11 -3.21 8.78
C GLY A 180 0.41 -3.36 7.44
N PHE A 181 0.57 -4.51 6.79
CA PHE A 181 -0.07 -4.73 5.49
C PHE A 181 -1.59 -4.66 5.64
N GLY A 182 -2.11 -5.06 6.80
CA GLY A 182 -3.53 -4.97 7.02
C GLY A 182 -4.31 -6.16 7.54
N SER A 183 -4.01 -7.36 7.05
CA SER A 183 -4.75 -8.54 7.49
C SER A 183 -4.44 -8.84 8.94
N ALA A 184 -5.19 -9.77 9.52
CA ALA A 184 -4.91 -10.16 10.88
C ALA A 184 -3.77 -11.13 10.69
N LEU A 185 -2.90 -11.19 11.68
CA LEU A 185 -1.80 -12.12 11.64
C LEU A 185 -2.27 -13.21 12.60
N LEU A 186 -2.63 -14.35 12.03
CA LEU A 186 -3.12 -15.47 12.81
C LEU A 186 -1.96 -16.25 13.40
N GLU A 187 -1.97 -16.43 14.70
CA GLU A 187 -0.91 -17.16 15.37
C GLU A 187 -1.25 -18.64 15.48
N GLU A 188 -0.30 -19.48 15.07
CA GLU A 188 -0.44 -20.93 15.14
C GLU A 188 -1.57 -21.52 14.30
N VAL A 189 -1.54 -21.26 13.00
CA VAL A 189 -2.53 -21.80 12.08
C VAL A 189 -1.82 -22.79 11.16
N ASP A 190 -0.72 -22.34 10.56
CA ASP A 190 0.06 -23.20 9.67
C ASP A 190 0.99 -24.02 10.57
N PRO A 191 0.94 -25.36 10.46
CA PRO A 191 1.79 -26.20 11.28
C PRO A 191 3.27 -25.81 11.19
N ASN A 192 3.66 -25.22 10.07
CA ASN A 192 5.04 -24.76 9.88
C ASN A 192 5.14 -23.43 10.64
N PRO A 193 5.84 -23.42 11.78
CA PRO A 193 6.03 -22.22 12.62
C PRO A 193 6.68 -21.03 11.92
N ALA A 194 7.41 -21.30 10.84
CA ALA A 194 8.09 -20.24 10.12
C ALA A 194 7.12 -19.50 9.22
N ASN A 195 6.04 -20.17 8.84
CA ASN A 195 5.07 -19.57 7.96
C ASN A 195 4.16 -18.56 8.63
N PHE A 196 3.71 -17.60 7.84
CA PHE A 196 2.81 -16.58 8.34
C PHE A 196 1.50 -16.79 7.63
N VAL A 197 0.43 -16.75 8.40
CA VAL A 197 -0.89 -16.93 7.87
C VAL A 197 -1.64 -15.68 8.20
N GLY A 198 -2.28 -15.10 7.20
CA GLY A 198 -3.03 -13.90 7.42
C GLY A 198 -4.42 -14.13 6.90
N ALA A 199 -5.36 -13.43 7.49
CA ALA A 199 -6.73 -13.55 7.05
C ALA A 199 -7.36 -12.20 7.23
N GLY A 200 -8.09 -11.78 6.22
CA GLY A 200 -8.74 -10.50 6.31
C GLY A 200 -9.74 -10.36 5.21
N ILE A 201 -10.51 -9.29 5.31
CA ILE A 201 -11.50 -9.02 4.31
C ILE A 201 -11.06 -7.71 3.70
N ILE A 202 -10.87 -7.72 2.38
CA ILE A 202 -10.52 -6.50 1.68
C ILE A 202 -11.87 -5.87 1.50
N HIS A 203 -12.03 -4.69 2.05
CA HIS A 203 -13.30 -4.01 1.95
C HIS A 203 -13.35 -3.02 0.82
N THR A 204 -14.35 -3.18 -0.03
CA THR A 204 -14.54 -2.26 -1.13
C THR A 204 -16.03 -2.04 -1.11
N LYS A 205 -16.46 -0.95 -1.72
CA LYS A 205 -17.88 -0.66 -1.77
C LYS A 205 -18.71 -1.78 -2.40
N THR A 206 -18.26 -2.26 -3.55
CA THR A 206 -18.98 -3.27 -4.31
C THR A 206 -18.79 -4.74 -3.98
N THR A 207 -17.73 -5.07 -3.26
CA THR A 207 -17.51 -6.46 -2.97
C THR A 207 -16.57 -6.60 -1.78
N GLN A 208 -16.86 -7.57 -0.93
CA GLN A 208 -16.02 -7.84 0.22
C GLN A 208 -15.29 -9.08 -0.25
N ILE A 209 -13.96 -9.02 -0.29
CA ILE A 209 -13.20 -10.16 -0.74
C ILE A 209 -12.52 -10.84 0.42
N GLY A 210 -12.92 -12.09 0.66
CA GLY A 210 -12.32 -12.85 1.72
C GLY A 210 -10.93 -13.20 1.24
N CYS A 211 -9.93 -12.86 2.05
CA CYS A 211 -8.55 -13.11 1.66
C CYS A 211 -7.83 -13.92 2.70
N LEU A 212 -7.09 -14.91 2.20
CA LEU A 212 -6.31 -15.78 3.02
C LEU A 212 -4.95 -15.70 2.39
N LEU A 213 -3.92 -15.55 3.21
CA LEU A 213 -2.59 -15.48 2.65
C LEU A 213 -1.70 -16.41 3.42
N ARG A 214 -0.72 -16.95 2.72
CA ARG A 214 0.24 -17.83 3.31
C ARG A 214 1.57 -17.36 2.77
N LEU A 215 2.46 -16.99 3.69
CA LEU A 215 3.79 -16.53 3.31
C LEU A 215 4.73 -17.59 3.83
N GLU A 216 5.39 -18.27 2.90
CA GLU A 216 6.31 -19.35 3.21
C GLU A 216 7.75 -18.95 2.97
N PRO A 217 8.48 -18.65 4.05
CA PRO A 217 9.88 -18.25 3.88
C PRO A 217 10.69 -19.48 3.50
N ASN A 218 11.68 -19.28 2.65
CA ASN A 218 12.59 -20.35 2.23
C ASN A 218 13.91 -19.72 2.67
N LEU A 219 14.29 -19.98 3.92
CA LEU A 219 15.53 -19.42 4.47
C LEU A 219 16.76 -19.63 3.61
N GLN A 220 16.97 -20.86 3.15
CA GLN A 220 18.15 -21.15 2.35
C GLN A 220 18.28 -20.35 1.07
N ALA A 221 17.25 -20.39 0.23
CA ALA A 221 17.29 -19.66 -1.03
C ALA A 221 16.95 -18.20 -0.83
N GLN A 222 16.67 -17.82 0.42
CA GLN A 222 16.30 -16.45 0.73
C GLN A 222 15.22 -16.03 -0.25
N MET A 223 14.18 -16.85 -0.30
CA MET A 223 13.03 -16.61 -1.15
C MET A 223 11.79 -16.87 -0.33
N TYR A 224 10.66 -16.42 -0.86
CA TYR A 224 9.39 -16.65 -0.20
C TYR A 224 8.42 -17.22 -1.23
N ARG A 225 7.51 -18.06 -0.76
CA ARG A 225 6.48 -18.57 -1.64
C ARG A 225 5.25 -17.91 -1.05
N LEU A 226 4.68 -16.98 -1.79
CA LEU A 226 3.50 -16.29 -1.31
C LEU A 226 2.30 -16.83 -2.07
N THR A 227 1.27 -17.25 -1.33
CA THR A 227 0.05 -17.75 -1.94
C THR A 227 -1.13 -16.93 -1.48
N LEU A 228 -1.86 -16.40 -2.44
CA LEU A 228 -3.04 -15.63 -2.13
C LEU A 228 -4.23 -16.45 -2.63
N ARG A 229 -5.17 -16.68 -1.72
CA ARG A 229 -6.40 -17.38 -2.06
C ARG A 229 -7.46 -16.41 -1.59
N THR A 230 -8.18 -15.85 -2.55
CA THR A 230 -9.22 -14.89 -2.23
C THR A 230 -10.41 -15.21 -3.10
N SER A 231 -11.53 -14.58 -2.81
CA SER A 231 -12.74 -14.81 -3.58
C SER A 231 -12.75 -14.06 -4.91
N LYS A 232 -11.60 -13.51 -5.31
CA LYS A 232 -11.53 -12.80 -6.59
C LYS A 232 -10.13 -12.88 -7.19
N ASP A 233 -10.04 -13.46 -8.39
CA ASP A 233 -8.74 -13.61 -9.06
C ASP A 233 -7.86 -12.37 -9.15
N THR A 234 -8.45 -11.23 -9.51
CA THR A 234 -7.69 -10.00 -9.61
C THR A 234 -7.18 -9.50 -8.25
N VAL A 235 -7.91 -9.80 -7.18
CA VAL A 235 -7.49 -9.39 -5.85
C VAL A 235 -6.31 -10.24 -5.45
N SER A 236 -6.41 -11.53 -5.76
CA SER A 236 -5.34 -12.47 -5.47
C SER A 236 -4.07 -11.98 -6.16
N GLN A 237 -4.20 -11.60 -7.43
CA GLN A 237 -3.07 -11.13 -8.22
C GLN A 237 -2.43 -9.84 -7.68
N ARG A 238 -3.27 -8.84 -7.38
CA ARG A 238 -2.74 -7.57 -6.87
C ARG A 238 -2.14 -7.66 -5.47
N LEU A 239 -2.81 -8.36 -4.56
CA LEU A 239 -2.28 -8.48 -3.21
C LEU A 239 -0.97 -9.24 -3.28
N CYS A 240 -0.89 -10.20 -4.21
CA CYS A 240 0.31 -10.98 -4.39
C CYS A 240 1.43 -10.05 -4.86
N GLU A 241 1.14 -9.23 -5.85
CA GLU A 241 2.12 -8.29 -6.38
C GLU A 241 2.65 -7.35 -5.29
N LEU A 242 1.75 -6.75 -4.53
CA LEU A 242 2.14 -5.82 -3.49
C LEU A 242 2.93 -6.45 -2.35
N LEU A 243 2.37 -7.48 -1.74
CA LEU A 243 3.04 -8.13 -0.62
C LEU A 243 4.40 -8.68 -1.02
N SER A 244 4.50 -9.16 -2.25
CA SER A 244 5.76 -9.71 -2.78
C SER A 244 6.93 -8.74 -2.74
N GLU A 245 6.65 -7.46 -2.95
CA GLU A 245 7.71 -6.45 -2.96
C GLU A 245 8.10 -6.00 -1.56
N GLN A 246 7.40 -6.48 -0.54
CA GLN A 246 7.68 -6.06 0.82
C GLN A 246 8.67 -6.86 1.67
N PHE A 247 9.09 -8.03 1.19
CA PHE A 247 10.01 -8.81 1.98
C PHE A 247 11.33 -9.14 1.32
N SER B 2 -1.30 -34.77 6.78
CA SER B 2 -0.62 -34.04 7.88
C SER B 2 -0.69 -32.53 7.65
N ASP B 3 -0.27 -32.09 6.47
CA ASP B 3 -0.28 -30.67 6.12
C ASP B 3 -1.69 -30.26 5.69
N PRO B 4 -2.40 -29.52 6.57
CA PRO B 4 -3.76 -29.05 6.32
C PRO B 4 -3.89 -28.10 5.13
N PHE B 5 -2.78 -27.87 4.42
CA PHE B 5 -2.80 -26.98 3.27
C PHE B 5 -2.90 -27.70 1.93
N LYS B 6 -3.45 -28.92 1.94
CA LYS B 6 -3.64 -29.70 0.73
C LYS B 6 -4.21 -31.08 1.04
#